data_7KVP
#
_entry.id   7KVP
#
_cell.length_a   78.190
_cell.length_b   102.340
_cell.length_c   128.300
_cell.angle_alpha   90.00
_cell.angle_beta   90.00
_cell.angle_gamma   90.00
#
_symmetry.space_group_name_H-M   'I 2 2 2'
#
loop_
_entity.id
_entity.type
_entity.pdbx_description
1 polymer 'Cytochrome P450 3A4'
2 non-polymer 'PROTOPORPHYRIN IX CONTAINING FE'
3 non-polymer 'tert-butyl [(2R)-1-(naphthalen-1-yl)-3-{[(2S)-1-oxo-3-phenyl-1-{[3-(pyridin-3-yl)propyl]amino}propan-2-yl]sulfanyl}propan-2-yl]carbamate'
4 water water
#
_entity_poly.entity_id   1
_entity_poly.type   'polypeptide(L)'
_entity_poly.pdbx_seq_one_letter_code
;MAYLYGTHSHGLFKKLGIPGPTPLPFLGNILSYHKGFCMFDMECHKKYGKVWGFYDGQQPVLAITDPDMIKTVLVKECYS
VFTNRRPFGPVGFMKSAISIAEDEEWKRLRSLLSPTFTSGKLKEMVPIIAQYGDVLVRNLRREAETGKPVTLKDVFGAYS
MDVITSTSFGVNIDSLNNPQDPFVENTKKLLRFDFLDPFFLSITVFPFLIPILEVLNICVFPREVTNFLRKSVKRMKESR
LEDTQKHRVDFLQLMIDSQNSKETESHKALSDLELVAQSIIFIFAGYETTSSVLSFIMYELATHPDVQQKLQEEIDAVLP
NKAPPTYDTVLQMEYLDMVVNETLRLFPIAMRLERVCKKDVEINGMFIPKGVVVMIPSYALHRDPKYWTEPEKFLPERFS
KKNKDNIDPYIYTPFGSGPRNCIGMRFALMNMKLALIRVLQNFSFKPCKETQIPLKLSLGGLLQPEKPVVLKVESRDGTV
SGAHHHH
;
_entity_poly.pdbx_strand_id   A
#
loop_
_chem_comp.id
_chem_comp.type
_chem_comp.name
_chem_comp.formula
HEM non-polymer 'PROTOPORPHYRIN IX CONTAINING FE' 'C34 H32 Fe N4 O4'
X6J non-polymer 'tert-butyl [(2R)-1-(naphthalen-1-yl)-3-{[(2S)-1-oxo-3-phenyl-1-{[3-(pyridin-3-yl)propyl]amino}propan-2-yl]sulfanyl}propan-2-yl]carbamate' 'C35 H41 N3 O3 S'
#
# COMPACT_ATOMS: atom_id res chain seq x y z
N SER A 9 -28.52 12.40 -12.35
CA SER A 9 -27.12 12.08 -12.66
C SER A 9 -26.96 10.63 -13.11
N HIS A 10 -27.96 9.81 -12.82
CA HIS A 10 -27.86 8.38 -13.03
C HIS A 10 -28.14 7.95 -14.46
N GLY A 11 -28.13 8.88 -15.42
CA GLY A 11 -28.34 8.53 -16.80
C GLY A 11 -27.13 8.69 -17.69
N LEU A 12 -25.94 8.84 -17.10
CA LEU A 12 -24.76 9.20 -17.88
C LEU A 12 -24.22 8.01 -18.68
N PHE A 13 -23.97 6.88 -18.00
CA PHE A 13 -23.41 5.72 -18.70
C PHE A 13 -24.42 5.11 -19.68
N LYS A 14 -25.71 5.16 -19.34
CA LYS A 14 -26.73 4.77 -20.30
C LYS A 14 -26.70 5.68 -21.52
N LYS A 15 -26.38 6.97 -21.33
CA LYS A 15 -26.35 7.89 -22.44
C LYS A 15 -25.12 7.67 -23.31
N LEU A 16 -23.99 7.35 -22.70
CA LEU A 16 -22.76 7.05 -23.42
C LEU A 16 -22.70 5.62 -23.94
N GLY A 17 -23.74 4.82 -23.70
CA GLY A 17 -23.77 3.45 -24.18
C GLY A 17 -22.79 2.53 -23.49
N ILE A 18 -22.45 2.81 -22.24
CA ILE A 18 -21.48 2.02 -21.47
C ILE A 18 -22.25 1.08 -20.56
N PRO A 19 -21.99 -0.22 -20.61
CA PRO A 19 -22.75 -1.16 -19.77
C PRO A 19 -22.40 -0.99 -18.29
N GLY A 20 -23.17 -1.69 -17.46
CA GLY A 20 -22.97 -1.65 -16.04
C GLY A 20 -24.24 -1.96 -15.27
N PRO A 21 -24.10 -2.17 -13.96
CA PRO A 21 -25.27 -2.49 -13.14
C PRO A 21 -26.19 -1.28 -13.03
N THR A 22 -27.46 -1.58 -12.75
CA THR A 22 -28.45 -0.51 -12.70
C THR A 22 -28.46 0.14 -11.32
N PRO A 23 -28.35 1.46 -11.23
CA PRO A 23 -28.26 2.12 -9.92
C PRO A 23 -29.60 2.44 -9.28
N LEU A 24 -29.74 2.13 -8.00
CA LEU A 24 -30.86 2.62 -7.22
C LEU A 24 -30.67 4.12 -6.97
N PRO A 25 -31.76 4.84 -6.64
CA PRO A 25 -31.61 6.26 -6.32
C PRO A 25 -30.84 6.46 -5.02
N PHE A 26 -30.12 7.59 -4.97
CA PHE A 26 -29.33 8.02 -3.81
C PHE A 26 -28.14 7.10 -3.59
N LEU A 27 -28.39 5.81 -3.41
CA LEU A 27 -27.32 4.87 -3.10
C LEU A 27 -26.35 4.61 -4.25
N GLY A 28 -26.83 4.65 -5.50
CA GLY A 28 -26.02 4.16 -6.58
C GLY A 28 -25.92 2.65 -6.50
N ASN A 29 -24.71 2.13 -6.70
CA ASN A 29 -24.46 0.69 -6.64
C ASN A 29 -23.82 0.24 -5.34
N ILE A 30 -23.80 1.10 -4.30
CA ILE A 30 -23.01 0.80 -3.12
C ILE A 30 -23.48 -0.45 -2.38
N LEU A 31 -24.73 -0.88 -2.61
CA LEU A 31 -25.16 -2.15 -2.02
C LEU A 31 -24.38 -3.33 -2.58
N SER A 32 -23.77 -3.17 -3.77
CA SER A 32 -22.97 -4.23 -4.35
C SER A 32 -21.66 -4.42 -3.61
N TYR A 33 -21.25 -3.47 -2.78
CA TYR A 33 -20.06 -3.60 -1.94
C TYR A 33 -20.26 -4.53 -0.76
N HIS A 34 -21.35 -5.29 -0.68
CA HIS A 34 -21.56 -6.17 0.47
C HIS A 34 -20.59 -7.33 0.50
N LYS A 35 -19.94 -7.63 -0.64
CA LYS A 35 -18.93 -8.67 -0.71
C LYS A 35 -17.55 -8.11 -1.03
N GLY A 36 -17.35 -6.81 -0.89
CA GLY A 36 -16.03 -6.24 -1.02
C GLY A 36 -15.78 -5.65 -2.40
N PHE A 37 -14.90 -4.63 -2.44
CA PHE A 37 -14.53 -4.00 -3.71
C PHE A 37 -14.07 -5.02 -4.73
N CYS A 38 -13.32 -6.03 -4.28
CA CYS A 38 -12.64 -6.94 -5.20
C CYS A 38 -13.62 -7.91 -5.84
N MET A 39 -14.50 -8.53 -5.04
CA MET A 39 -15.50 -9.43 -5.61
C MET A 39 -16.43 -8.67 -6.56
N PHE A 40 -16.76 -7.42 -6.24
CA PHE A 40 -17.60 -6.63 -7.12
C PHE A 40 -16.86 -6.27 -8.42
N ASP A 41 -15.57 -5.94 -8.32
CA ASP A 41 -14.78 -5.68 -9.52
C ASP A 41 -14.70 -6.92 -10.39
N MET A 42 -14.47 -8.09 -9.77
CA MET A 42 -14.35 -9.34 -10.54
C MET A 42 -15.64 -9.63 -11.28
N GLU A 43 -16.75 -9.72 -10.56
CA GLU A 43 -18.07 -9.97 -11.15
C GLU A 43 -18.34 -8.98 -12.29
N CYS A 44 -17.94 -7.73 -12.09
CA CYS A 44 -18.21 -6.70 -13.09
C CYS A 44 -17.36 -6.90 -14.34
N HIS A 45 -16.09 -7.26 -14.17
CA HIS A 45 -15.24 -7.55 -15.33
C HIS A 45 -15.81 -8.71 -16.13
N LYS A 46 -16.23 -9.78 -15.44
CA LYS A 46 -16.78 -10.96 -16.10
C LYS A 46 -18.09 -10.62 -16.81
N LYS A 47 -18.97 -9.86 -16.15
CA LYS A 47 -20.28 -9.57 -16.72
C LYS A 47 -20.19 -8.62 -17.91
N TYR A 48 -19.47 -7.51 -17.76
CA TYR A 48 -19.57 -6.40 -18.70
C TYR A 48 -18.37 -6.24 -19.62
N GLY A 49 -17.29 -6.97 -19.40
CA GLY A 49 -16.20 -7.01 -20.37
C GLY A 49 -15.12 -5.98 -20.08
N LYS A 50 -14.76 -5.20 -21.11
CA LYS A 50 -13.56 -4.37 -21.07
C LYS A 50 -13.76 -3.02 -20.38
N VAL A 51 -14.91 -2.38 -20.57
CA VAL A 51 -15.21 -1.08 -19.97
CA VAL A 51 -15.20 -1.10 -19.94
C VAL A 51 -16.61 -1.14 -19.39
N TRP A 52 -16.79 -0.62 -18.18
CA TRP A 52 -18.11 -0.55 -17.58
C TRP A 52 -18.15 0.67 -16.67
N GLY A 53 -19.33 0.91 -16.11
CA GLY A 53 -19.54 2.04 -15.22
C GLY A 53 -20.43 1.66 -14.06
N PHE A 54 -20.40 2.49 -13.04
CA PHE A 54 -21.26 2.35 -11.88
C PHE A 54 -21.29 3.69 -11.16
N TYR A 55 -22.00 3.73 -10.04
CA TYR A 55 -22.22 4.98 -9.32
C TYR A 55 -21.95 4.76 -7.84
N ASP A 56 -20.95 5.46 -7.31
CA ASP A 56 -20.71 5.55 -5.86
C ASP A 56 -21.56 6.71 -5.36
N GLY A 57 -22.73 6.40 -4.82
CA GLY A 57 -23.72 7.42 -4.56
C GLY A 57 -24.21 8.05 -5.85
N GLN A 58 -23.86 9.31 -6.07
CA GLN A 58 -24.10 9.97 -7.35
C GLN A 58 -22.85 10.02 -8.22
N GLN A 59 -21.73 9.51 -7.72
CA GLN A 59 -20.44 9.69 -8.41
C GLN A 59 -20.28 8.66 -9.52
N PRO A 60 -20.20 9.07 -10.79
CA PRO A 60 -19.95 8.10 -11.86
C PRO A 60 -18.51 7.60 -11.79
N VAL A 61 -18.35 6.29 -11.72
CA VAL A 61 -17.03 5.67 -11.80
C VAL A 61 -16.99 4.82 -13.07
N LEU A 62 -16.03 5.09 -13.93
CA LEU A 62 -15.87 4.40 -15.20
C LEU A 62 -14.65 3.48 -15.09
N ALA A 63 -14.90 2.17 -15.08
CA ALA A 63 -13.83 1.20 -14.96
C ALA A 63 -13.28 0.85 -16.34
N ILE A 64 -11.96 0.82 -16.45
CA ILE A 64 -11.27 0.55 -17.71
C ILE A 64 -10.32 -0.62 -17.50
N THR A 65 -10.09 -1.39 -18.59
CA THR A 65 -9.18 -2.53 -18.52
C THR A 65 -8.30 -2.65 -19.76
N ASP A 66 -8.24 -1.63 -20.62
CA ASP A 66 -7.42 -1.70 -21.82
C ASP A 66 -6.03 -1.16 -21.51
N PRO A 67 -4.99 -1.98 -21.64
CA PRO A 67 -3.62 -1.51 -21.30
C PRO A 67 -3.23 -0.19 -21.97
N ASP A 68 -3.58 0.00 -23.24
CA ASP A 68 -3.30 1.28 -23.88
C ASP A 68 -4.09 2.41 -23.23
N MET A 69 -5.35 2.13 -22.89
CA MET A 69 -6.18 3.13 -22.20
C MET A 69 -5.65 3.40 -20.80
N ILE A 70 -5.33 2.34 -20.06
CA ILE A 70 -4.72 2.51 -18.73
C ILE A 70 -3.44 3.32 -18.85
N LYS A 71 -2.63 3.04 -19.88
CA LYS A 71 -1.38 3.77 -20.06
C LYS A 71 -1.63 5.25 -20.30
N THR A 72 -2.63 5.58 -21.10
CA THR A 72 -2.92 6.98 -21.39
C THR A 72 -3.34 7.74 -20.14
N VAL A 73 -4.14 7.10 -19.28
CA VAL A 73 -4.66 7.77 -18.09
C VAL A 73 -3.55 7.98 -17.07
N LEU A 74 -2.82 6.92 -16.75
CA LEU A 74 -1.83 6.99 -15.68
C LEU A 74 -0.55 7.69 -16.10
N VAL A 75 -0.22 7.69 -17.39
CA VAL A 75 1.09 8.16 -17.83
C VAL A 75 0.97 9.32 -18.81
N LYS A 76 0.26 9.10 -19.92
CA LYS A 76 0.28 10.08 -21.01
C LYS A 76 -0.48 11.36 -20.63
N GLU A 77 -1.74 11.23 -20.22
CA GLU A 77 -2.57 12.39 -19.92
C GLU A 77 -2.63 12.69 -18.43
N CYS A 78 -1.54 12.43 -17.70
CA CYS A 78 -1.54 12.65 -16.26
C CYS A 78 -1.61 14.15 -15.94
N TYR A 79 -0.60 14.90 -16.38
CA TYR A 79 -0.53 16.32 -16.01
C TYR A 79 -1.70 17.12 -16.56
N SER A 80 -2.30 16.68 -17.65
CA SER A 80 -3.35 17.45 -18.30
C SER A 80 -4.74 17.13 -17.76
N VAL A 81 -5.11 15.85 -17.74
CA VAL A 81 -6.50 15.45 -17.53
C VAL A 81 -6.67 14.68 -16.22
N PHE A 82 -5.84 13.68 -15.98
CA PHE A 82 -6.03 12.76 -14.86
C PHE A 82 -4.92 12.98 -13.84
N THR A 83 -5.05 14.07 -13.08
CA THR A 83 -4.02 14.50 -12.15
C THR A 83 -4.31 14.15 -10.70
N ASN A 84 -5.58 14.08 -10.30
CA ASN A 84 -5.93 13.91 -8.91
C ASN A 84 -6.67 12.60 -8.69
N ARG A 85 -6.60 12.11 -7.46
CA ARG A 85 -7.44 11.01 -7.04
C ARG A 85 -8.78 11.57 -6.58
N ARG A 86 -9.76 10.65 -6.38
CA ARG A 86 -11.07 11.20 -6.06
C ARG A 86 -11.07 11.83 -4.67
N PRO A 87 -11.73 12.97 -4.52
CA PRO A 87 -11.65 13.74 -3.27
C PRO A 87 -11.94 12.95 -2.01
N PHE A 88 -11.42 13.50 -0.90
CA PHE A 88 -11.39 12.82 0.39
C PHE A 88 -11.53 13.90 1.49
N GLY A 89 -12.67 13.87 2.18
CA GLY A 89 -12.88 14.72 3.32
C GLY A 89 -13.70 13.98 4.36
N PRO A 90 -13.75 14.49 5.61
CA PRO A 90 -13.02 15.69 6.05
C PRO A 90 -11.55 15.43 6.38
N VAL A 91 -10.66 16.30 5.91
CA VAL A 91 -9.24 16.08 6.08
C VAL A 91 -8.54 17.20 6.85
N GLY A 92 -9.11 18.41 6.92
CA GLY A 92 -8.45 19.47 7.65
C GLY A 92 -7.14 19.86 7.01
N PHE A 93 -6.07 19.91 7.81
CA PHE A 93 -4.75 20.31 7.33
C PHE A 93 -4.06 19.20 6.55
N MET A 94 -4.53 17.96 6.65
CA MET A 94 -3.98 16.90 5.80
C MET A 94 -4.31 17.08 4.33
N LYS A 95 -5.01 18.16 3.96
CA LYS A 95 -5.11 18.54 2.55
C LYS A 95 -3.75 18.67 1.90
N SER A 96 -2.73 19.03 2.68
CA SER A 96 -1.39 19.23 2.15
CA SER A 96 -1.39 19.23 2.13
C SER A 96 -0.60 17.92 2.00
N ALA A 97 -1.14 16.81 2.49
CA ALA A 97 -0.46 15.54 2.32
C ALA A 97 -0.38 15.22 0.83
N ILE A 98 0.79 14.73 0.41
CA ILE A 98 1.07 14.58 -1.03
C ILE A 98 0.00 13.75 -1.71
N SER A 99 -0.42 12.66 -1.07
CA SER A 99 -1.41 11.75 -1.65
C SER A 99 -2.80 12.37 -1.73
N ILE A 100 -3.01 13.53 -1.12
CA ILE A 100 -4.30 14.19 -1.11
C ILE A 100 -4.29 15.51 -1.89
N ALA A 101 -3.14 16.17 -2.00
CA ALA A 101 -3.06 17.45 -2.68
C ALA A 101 -3.43 17.31 -4.15
N GLU A 102 -3.75 18.44 -4.78
CA GLU A 102 -4.30 18.44 -6.12
C GLU A 102 -3.52 19.36 -7.05
N ASP A 103 -3.47 18.97 -8.32
CA ASP A 103 -3.04 19.82 -9.43
C ASP A 103 -1.62 20.34 -9.22
N GLU A 104 -1.48 21.65 -9.04
CA GLU A 104 -0.15 22.25 -8.93
C GLU A 104 0.42 22.25 -7.52
N GLU A 105 -0.40 21.98 -6.51
CA GLU A 105 0.16 21.82 -5.16
C GLU A 105 0.76 20.43 -4.98
N TRP A 106 0.24 19.43 -5.69
CA TRP A 106 0.85 18.11 -5.67
C TRP A 106 2.16 18.10 -6.45
N LYS A 107 2.12 18.56 -7.70
CA LYS A 107 3.29 18.57 -8.57
C LYS A 107 4.47 19.27 -7.91
N ARG A 108 4.22 20.14 -6.93
CA ARG A 108 5.30 20.81 -6.22
C ARG A 108 5.80 19.96 -5.05
N LEU A 109 4.88 19.31 -4.31
CA LEU A 109 5.30 18.42 -3.23
C LEU A 109 5.95 17.16 -3.78
N ARG A 110 5.46 16.66 -4.91
CA ARG A 110 6.06 15.49 -5.55
C ARG A 110 7.54 15.74 -5.87
N SER A 111 7.91 16.99 -6.16
CA SER A 111 9.30 17.30 -6.46
C SER A 111 10.13 17.49 -5.19
N LEU A 112 9.57 18.14 -4.18
CA LEU A 112 10.32 18.36 -2.95
C LEU A 112 10.65 17.05 -2.24
N LEU A 113 9.83 16.03 -2.42
CA LEU A 113 10.01 14.76 -1.74
C LEU A 113 10.53 13.65 -2.65
N SER A 114 10.64 13.88 -3.95
CA SER A 114 11.23 12.88 -4.84
C SER A 114 12.68 12.58 -4.51
N PRO A 115 13.58 13.56 -4.33
CA PRO A 115 14.96 13.22 -3.97
C PRO A 115 15.09 12.62 -2.58
N THR A 116 14.02 12.61 -1.80
CA THR A 116 14.03 11.93 -0.51
C THR A 116 13.97 10.41 -0.67
N PHE A 117 13.47 9.92 -1.81
CA PHE A 117 13.33 8.49 -2.06
C PHE A 117 14.24 8.00 -3.18
N THR A 118 15.41 8.62 -3.34
CA THR A 118 16.34 8.16 -4.37
C THR A 118 17.05 6.89 -3.92
N SER A 119 17.71 6.23 -4.87
CA SER A 119 18.49 5.04 -4.56
C SER A 119 19.64 5.38 -3.60
N GLY A 120 20.22 6.57 -3.75
CA GLY A 120 21.34 6.94 -2.90
C GLY A 120 20.93 7.08 -1.44
N LYS A 121 19.81 7.77 -1.18
CA LYS A 121 19.32 7.90 0.18
C LYS A 121 18.86 6.57 0.75
N LEU A 122 18.35 5.68 -0.11
CA LEU A 122 17.79 4.41 0.36
C LEU A 122 18.87 3.45 0.81
N LYS A 123 20.00 3.40 0.09
CA LYS A 123 21.12 2.55 0.49
C LYS A 123 21.69 3.01 1.82
N GLU A 124 21.62 4.31 2.12
CA GLU A 124 22.09 4.81 3.40
C GLU A 124 21.15 4.38 4.53
N MET A 125 19.85 4.33 4.26
CA MET A 125 18.88 3.92 5.27
C MET A 125 18.96 2.43 5.60
N VAL A 126 19.75 1.66 4.86
CA VAL A 126 19.78 0.20 5.02
C VAL A 126 20.34 -0.20 6.38
N PRO A 127 21.48 0.33 6.85
CA PRO A 127 21.97 -0.06 8.19
C PRO A 127 20.95 0.14 9.31
N ILE A 128 20.17 1.21 9.26
CA ILE A 128 19.18 1.44 10.31
C ILE A 128 18.05 0.42 10.21
N ILE A 129 17.57 0.17 8.99
CA ILE A 129 16.57 -0.88 8.78
C ILE A 129 17.14 -2.25 9.12
N ALA A 130 18.47 -2.40 9.09
CA ALA A 130 19.10 -3.67 9.41
C ALA A 130 19.14 -3.93 10.91
N GLN A 131 19.22 -2.87 11.72
CA GLN A 131 19.33 -3.04 13.17
C GLN A 131 18.06 -3.59 13.79
N TYR A 132 16.91 -3.29 13.21
CA TYR A 132 15.64 -3.75 13.77
C TYR A 132 15.17 -5.07 13.19
N GLY A 133 15.77 -5.54 12.10
CA GLY A 133 15.61 -6.94 11.74
C GLY A 133 16.17 -7.84 12.81
N ASP A 134 17.33 -7.46 13.37
CA ASP A 134 17.88 -8.19 14.51
C ASP A 134 16.94 -8.16 15.71
N VAL A 135 16.34 -7.00 15.97
CA VAL A 135 15.33 -6.88 17.02
C VAL A 135 14.18 -7.85 16.76
N LEU A 136 13.74 -7.93 15.50
CA LEU A 136 12.68 -8.85 15.13
C LEU A 136 13.10 -10.29 15.35
N VAL A 137 14.37 -10.62 15.05
CA VAL A 137 14.86 -11.99 15.19
C VAL A 137 14.80 -12.43 16.64
N ARG A 138 15.38 -11.64 17.54
CA ARG A 138 15.36 -11.96 18.96
C ARG A 138 13.93 -12.08 19.48
N ASN A 139 13.04 -11.20 19.03
CA ASN A 139 11.65 -11.27 19.46
C ASN A 139 10.95 -12.51 18.89
N LEU A 140 11.21 -12.83 17.62
CA LEU A 140 10.66 -14.05 17.05
C LEU A 140 11.26 -15.29 17.70
N ARG A 141 12.55 -15.21 18.08
CA ARG A 141 13.20 -16.35 18.71
C ARG A 141 12.63 -16.60 20.10
N ARG A 142 12.24 -15.54 20.81
CA ARG A 142 11.56 -15.72 22.08
C ARG A 142 10.26 -16.49 21.92
N GLU A 143 9.61 -16.32 20.77
CA GLU A 143 8.36 -17.01 20.48
C GLU A 143 8.60 -18.36 19.81
N ALA A 144 9.85 -18.60 19.42
CA ALA A 144 10.22 -19.85 18.76
C ALA A 144 10.73 -20.87 19.78
N GLU A 145 11.23 -20.38 20.91
CA GLU A 145 11.74 -21.25 21.95
C GLU A 145 10.64 -21.73 22.88
N THR A 146 9.47 -21.09 22.78
CA THR A 146 8.33 -21.44 23.62
C THR A 146 7.55 -22.60 23.01
N GLY A 147 6.99 -22.36 21.82
CA GLY A 147 6.22 -23.38 21.14
C GLY A 147 4.78 -22.97 20.91
N LYS A 148 4.54 -21.66 20.90
CA LYS A 148 3.20 -21.13 20.69
C LYS A 148 3.09 -20.43 19.35
N PRO A 149 2.01 -20.71 18.62
CA PRO A 149 1.78 -20.11 17.31
C PRO A 149 1.89 -18.59 17.36
N VAL A 150 2.40 -18.01 16.28
CA VAL A 150 2.73 -16.60 16.21
C VAL A 150 1.75 -15.90 15.26
N THR A 151 1.19 -14.79 15.72
CA THR A 151 0.38 -13.94 14.86
CA THR A 151 0.38 -13.93 14.87
C THR A 151 1.30 -12.98 14.11
N LEU A 152 1.29 -13.08 12.79
CA LEU A 152 2.24 -12.32 11.99
C LEU A 152 1.97 -10.82 12.04
N LYS A 153 0.69 -10.42 12.00
CA LYS A 153 0.38 -9.00 11.95
C LYS A 153 0.86 -8.26 13.19
N ASP A 154 1.05 -8.96 14.31
CA ASP A 154 1.59 -8.33 15.50
C ASP A 154 3.11 -8.25 15.46
N VAL A 155 3.77 -9.39 15.21
CA VAL A 155 5.22 -9.41 15.17
C VAL A 155 5.75 -8.62 13.98
N PHE A 156 5.04 -8.62 12.86
CA PHE A 156 5.45 -7.79 11.72
C PHE A 156 4.99 -6.36 11.89
N GLY A 157 3.79 -6.15 12.45
CA GLY A 157 3.35 -4.79 12.75
C GLY A 157 4.31 -4.07 13.65
N ALA A 158 4.82 -4.78 14.66
CA ALA A 158 5.86 -4.22 15.52
C ALA A 158 7.11 -3.89 14.73
N TYR A 159 7.48 -4.74 13.77
CA TYR A 159 8.67 -4.48 12.97
C TYR A 159 8.46 -3.30 12.03
N SER A 160 7.35 -3.30 11.29
CA SER A 160 7.08 -2.22 10.36
C SER A 160 7.08 -0.87 11.06
N MET A 161 6.49 -0.81 12.26
CA MET A 161 6.54 0.40 13.06
C MET A 161 7.98 0.75 13.44
N ASP A 162 8.78 -0.26 13.78
CA ASP A 162 10.17 -0.01 14.16
C ASP A 162 10.93 0.68 13.03
N VAL A 163 10.72 0.24 11.79
CA VAL A 163 11.44 0.84 10.67
C VAL A 163 10.97 2.26 10.42
N ILE A 164 9.66 2.51 10.55
CA ILE A 164 9.12 3.83 10.27
C ILE A 164 9.70 4.87 11.22
N THR A 165 9.54 4.65 12.53
CA THR A 165 10.00 5.63 13.51
C THR A 165 11.47 5.96 13.34
N SER A 166 12.30 4.94 13.11
CA SER A 166 13.73 5.18 12.99
C SER A 166 14.09 5.82 11.65
N THR A 167 13.42 5.39 10.57
CA THR A 167 13.71 5.93 9.24
C THR A 167 13.01 7.24 8.95
N SER A 168 12.07 7.66 9.80
CA SER A 168 11.39 8.93 9.59
C SER A 168 11.67 9.97 10.66
N PHE A 169 12.03 9.57 11.87
CA PHE A 169 12.32 10.53 12.93
C PHE A 169 13.57 10.21 13.75
N GLY A 170 14.20 9.06 13.56
CA GLY A 170 15.28 8.66 14.43
C GLY A 170 14.85 8.17 15.79
N VAL A 171 13.54 8.09 16.05
CA VAL A 171 13.04 7.57 17.31
C VAL A 171 13.27 6.07 17.35
N ASN A 172 14.03 5.61 18.35
CA ASN A 172 14.51 4.23 18.42
C ASN A 172 13.79 3.50 19.55
N ILE A 173 12.81 2.67 19.20
CA ILE A 173 12.01 1.93 20.16
C ILE A 173 11.92 0.48 19.71
N ASP A 174 11.86 -0.42 20.70
CA ASP A 174 11.45 -1.82 20.52
C ASP A 174 9.95 -1.84 20.80
N SER A 175 9.15 -1.57 19.76
CA SER A 175 7.72 -1.34 19.97
CA SER A 175 7.72 -1.34 19.97
C SER A 175 7.02 -2.59 20.48
N LEU A 176 7.52 -3.78 20.15
CA LEU A 176 6.83 -4.99 20.59
C LEU A 176 6.87 -5.14 22.11
N ASN A 177 8.01 -4.84 22.72
CA ASN A 177 8.14 -4.90 24.17
C ASN A 177 7.84 -3.55 24.84
N ASN A 178 7.71 -2.48 24.06
CA ASN A 178 7.31 -1.18 24.56
C ASN A 178 6.00 -0.77 23.91
N PRO A 179 4.95 -1.59 24.02
CA PRO A 179 3.68 -1.28 23.34
C PRO A 179 2.94 -0.11 23.95
N GLN A 180 3.48 0.43 25.04
CA GLN A 180 2.82 1.45 25.84
C GLN A 180 3.68 2.71 25.91
N ASP A 181 4.59 2.87 24.97
CA ASP A 181 5.33 4.13 24.77
C ASP A 181 4.43 5.11 24.04
N PRO A 182 4.38 6.38 24.45
CA PRO A 182 3.42 7.32 23.83
C PRO A 182 3.66 7.55 22.35
N PHE A 183 4.89 7.38 21.87
CA PHE A 183 5.14 7.58 20.44
C PHE A 183 4.63 6.41 19.61
N VAL A 184 4.48 5.24 20.23
CA VAL A 184 4.13 4.03 19.49
C VAL A 184 2.64 3.94 19.23
N GLU A 185 1.84 4.65 20.04
CA GLU A 185 0.40 4.46 20.00
C GLU A 185 -0.35 5.25 18.96
N ASN A 186 0.18 6.43 18.59
CA ASN A 186 -0.56 7.42 17.81
C ASN A 186 -0.96 6.98 16.41
N THR A 187 -0.74 5.72 16.07
CA THR A 187 -0.64 5.27 14.69
C THR A 187 -1.50 4.07 14.34
N LYS A 188 -1.77 3.14 15.25
CA LYS A 188 -2.55 1.96 14.90
C LYS A 188 -4.02 2.25 14.63
N LYS A 189 -4.44 3.51 14.67
CA LYS A 189 -5.82 3.88 14.41
C LYS A 189 -5.98 4.36 12.97
N ASP A 194 -10.89 2.00 6.24
CA ASP A 194 -12.01 1.14 5.85
C ASP A 194 -13.10 1.97 5.18
N PHE A 195 -13.11 1.98 3.85
CA PHE A 195 -14.05 2.79 3.09
C PHE A 195 -15.41 2.12 2.91
N LEU A 196 -15.67 1.06 3.67
CA LEU A 196 -17.00 0.44 3.70
C LEU A 196 -17.56 0.39 5.12
N ASP A 197 -16.94 1.07 6.07
CA ASP A 197 -17.47 1.17 7.41
C ASP A 197 -18.57 2.23 7.44
N PRO A 198 -19.38 2.30 8.50
CA PRO A 198 -20.57 3.16 8.46
C PRO A 198 -20.31 4.61 8.07
N PHE A 199 -19.21 5.19 8.54
CA PHE A 199 -18.97 6.62 8.32
C PHE A 199 -18.77 6.93 6.84
N PHE A 200 -17.93 6.15 6.16
CA PHE A 200 -17.56 6.50 4.80
C PHE A 200 -18.62 6.13 3.78
N LEU A 201 -19.38 5.06 4.01
CA LEU A 201 -20.58 4.83 3.21
C LEU A 201 -21.54 6.00 3.34
N SER A 202 -21.69 6.53 4.56
CA SER A 202 -22.51 7.72 4.76
C SER A 202 -21.94 8.90 4.00
N ILE A 203 -20.61 9.04 3.98
CA ILE A 203 -19.97 10.11 3.23
C ILE A 203 -20.21 9.91 1.73
N THR A 204 -20.23 8.66 1.27
CA THR A 204 -20.47 8.40 -0.14
C THR A 204 -21.92 8.65 -0.53
N VAL A 205 -22.85 8.51 0.41
CA VAL A 205 -24.26 8.80 0.13
C VAL A 205 -24.58 10.27 0.40
N PHE A 206 -23.98 10.86 1.44
CA PHE A 206 -24.14 12.28 1.74
C PHE A 206 -22.78 12.97 1.65
N PRO A 207 -22.23 13.14 0.44
CA PRO A 207 -20.98 13.91 0.33
C PRO A 207 -21.17 15.38 0.55
N PHE A 208 -22.43 15.86 0.57
CA PHE A 208 -22.72 17.26 0.81
C PHE A 208 -22.47 17.58 2.28
N LEU A 209 -22.12 16.56 3.05
CA LEU A 209 -21.85 16.72 4.47
C LEU A 209 -20.37 16.96 4.76
N ILE A 210 -19.48 16.59 3.84
CA ILE A 210 -18.05 16.87 4.04
C ILE A 210 -17.80 18.34 4.32
N PRO A 211 -18.30 19.31 3.54
CA PRO A 211 -18.07 20.71 3.87
C PRO A 211 -18.60 21.10 5.24
N ILE A 212 -19.61 20.39 5.75
CA ILE A 212 -20.07 20.62 7.11
C ILE A 212 -19.00 20.19 8.11
N LEU A 213 -18.49 18.97 7.96
CA LEU A 213 -17.51 18.45 8.91
C LEU A 213 -16.18 19.19 8.82
N GLU A 214 -15.85 19.76 7.65
CA GLU A 214 -14.60 20.50 7.53
C GLU A 214 -14.66 21.83 8.27
N VAL A 215 -15.84 22.46 8.32
CA VAL A 215 -15.99 23.69 9.08
C VAL A 215 -16.14 23.42 10.58
N LEU A 216 -16.30 22.15 10.97
CA LEU A 216 -16.32 21.75 12.38
C LEU A 216 -14.99 21.16 12.83
N ASN A 217 -13.94 21.30 12.02
CA ASN A 217 -12.61 20.76 12.29
C ASN A 217 -12.66 19.30 12.72
N ILE A 218 -13.64 18.56 12.25
CA ILE A 218 -13.70 17.11 12.46
C ILE A 218 -12.93 16.46 11.34
N CYS A 219 -11.92 15.65 11.68
CA CYS A 219 -11.00 15.12 10.69
C CYS A 219 -10.99 13.60 10.75
N VAL A 220 -10.94 12.96 9.57
CA VAL A 220 -10.85 11.50 9.52
C VAL A 220 -9.56 11.02 10.15
N PHE A 221 -8.53 11.85 10.16
CA PHE A 221 -7.39 11.59 11.00
C PHE A 221 -7.76 11.95 12.43
N PRO A 222 -7.48 11.10 13.42
CA PRO A 222 -7.78 11.47 14.80
C PRO A 222 -7.04 12.74 15.20
N ARG A 223 -7.77 13.70 15.74
CA ARG A 223 -7.18 15.00 16.02
C ARG A 223 -6.16 14.96 17.14
N GLU A 224 -6.17 13.91 17.98
CA GLU A 224 -5.16 13.80 19.02
C GLU A 224 -3.87 13.22 18.47
N VAL A 225 -3.98 12.29 17.52
CA VAL A 225 -2.80 11.73 16.88
C VAL A 225 -2.01 12.83 16.19
N THR A 226 -2.69 13.64 15.36
CA THR A 226 -1.99 14.66 14.60
C THR A 226 -1.50 15.80 15.50
N ASN A 227 -2.18 16.04 16.62
CA ASN A 227 -1.69 17.04 17.56
C ASN A 227 -0.46 16.55 18.31
N PHE A 228 -0.37 15.25 18.56
CA PHE A 228 0.82 14.71 19.23
C PHE A 228 2.03 14.75 18.30
N LEU A 229 1.86 14.33 17.05
CA LEU A 229 2.98 14.26 16.13
C LEU A 229 3.40 15.64 15.64
N ARG A 230 2.49 16.60 15.59
CA ARG A 230 2.85 17.96 15.19
C ARG A 230 3.84 18.57 16.17
N LYS A 231 3.54 18.48 17.47
CA LYS A 231 4.45 19.02 18.47
C LYS A 231 5.69 18.15 18.63
N SER A 232 5.56 16.85 18.38
CA SER A 232 6.72 15.96 18.49
C SER A 232 7.76 16.27 17.41
N VAL A 233 7.32 16.74 16.25
CA VAL A 233 8.27 17.05 15.18
C VAL A 233 8.98 18.37 15.46
N LYS A 234 8.23 19.39 15.89
CA LYS A 234 8.84 20.68 16.20
C LYS A 234 9.82 20.58 17.35
N ARG A 235 9.72 19.54 18.18
CA ARG A 235 10.76 19.29 19.18
C ARG A 235 12.03 18.78 18.51
N MET A 236 11.90 17.82 17.58
CA MET A 236 13.05 17.29 16.87
C MET A 236 13.71 18.34 15.99
N LYS A 237 12.91 19.26 15.42
CA LYS A 237 13.47 20.25 14.51
C LYS A 237 14.42 21.19 15.22
N GLU A 238 14.06 21.65 16.42
CA GLU A 238 14.89 22.61 17.15
C GLU A 238 15.85 21.95 18.13
N SER A 239 15.86 20.63 18.22
CA SER A 239 16.93 19.95 18.94
C SER A 239 18.09 19.60 18.01
N ARG A 240 17.81 19.38 16.73
CA ARG A 240 18.86 19.24 15.74
C ARG A 240 19.34 20.61 15.26
N LEU A 241 18.48 21.63 15.34
CA LEU A 241 18.80 22.99 14.94
C LEU A 241 18.86 23.85 16.21
N GLU A 242 20.06 24.08 16.72
CA GLU A 242 21.27 23.51 16.12
C GLU A 242 22.09 22.77 17.17
N ASP A 243 22.56 21.58 16.81
CA ASP A 243 23.40 20.76 17.67
C ASP A 243 24.17 19.72 16.86
N VAL A 249 19.62 11.38 8.54
CA VAL A 249 19.60 10.16 7.75
C VAL A 249 18.16 9.68 7.56
N ASP A 250 17.24 10.20 8.38
CA ASP A 250 15.84 9.79 8.30
C ASP A 250 15.06 10.70 7.36
N PHE A 251 13.76 10.42 7.23
CA PHE A 251 12.92 11.17 6.30
C PHE A 251 12.76 12.63 6.74
N LEU A 252 12.55 12.85 8.04
CA LEU A 252 12.40 14.21 8.55
C LEU A 252 13.62 15.06 8.22
N GLN A 253 14.82 14.52 8.47
CA GLN A 253 16.04 15.26 8.16
C GLN A 253 16.15 15.52 6.67
N LEU A 254 15.69 14.58 5.84
CA LEU A 254 15.71 14.80 4.40
C LEU A 254 14.70 15.85 3.97
N MET A 255 13.62 16.02 4.73
CA MET A 255 12.65 17.06 4.43
C MET A 255 13.03 18.41 5.03
N ILE A 256 13.76 18.39 6.16
CA ILE A 256 14.26 19.65 6.73
C ILE A 256 15.34 20.24 5.83
N ASP A 257 16.22 19.40 5.29
CA ASP A 257 17.25 19.89 4.39
C ASP A 257 16.65 20.44 3.11
N SER A 258 15.46 19.97 2.72
CA SER A 258 14.84 20.44 1.50
C SER A 258 14.21 21.82 1.67
N GLN A 259 13.71 22.14 2.86
CA GLN A 259 13.20 23.48 3.13
C GLN A 259 14.31 24.48 3.43
N ASN A 260 15.56 24.03 3.48
CA ASN A 260 16.70 24.92 3.62
C ASN A 260 17.16 25.43 2.27
N LYS A 268 8.17 28.33 -2.25
CA LYS A 268 8.17 27.06 -2.94
C LYS A 268 8.69 25.94 -2.04
N ALA A 269 9.59 26.29 -1.13
CA ALA A 269 10.17 25.30 -0.24
C ALA A 269 9.13 24.82 0.78
N LEU A 270 9.40 23.65 1.35
CA LEU A 270 8.44 22.97 2.21
C LEU A 270 8.13 23.80 3.46
N SER A 271 6.85 24.01 3.71
CA SER A 271 6.40 24.75 4.89
C SER A 271 6.52 23.88 6.13
N ASP A 272 6.16 24.46 7.28
CA ASP A 272 6.26 23.76 8.55
C ASP A 272 5.02 22.93 8.86
N LEU A 273 3.85 23.32 8.37
CA LEU A 273 2.69 22.44 8.49
C LEU A 273 2.65 21.41 7.36
N GLU A 274 3.13 21.80 6.17
CA GLU A 274 3.24 20.83 5.07
C GLU A 274 4.17 19.69 5.46
N LEU A 275 5.26 19.99 6.18
CA LEU A 275 6.24 18.96 6.50
C LEU A 275 5.70 17.97 7.52
N VAL A 276 4.86 18.42 8.44
CA VAL A 276 4.28 17.49 9.41
C VAL A 276 3.23 16.60 8.74
N ALA A 277 2.51 17.12 7.75
CA ALA A 277 1.52 16.30 7.05
C ALA A 277 2.19 15.11 6.36
N GLN A 278 3.27 15.36 5.61
CA GLN A 278 3.94 14.28 4.90
C GLN A 278 4.48 13.22 5.86
N SER A 279 5.06 13.66 6.98
CA SER A 279 5.58 12.70 7.95
C SER A 279 4.48 11.78 8.45
N ILE A 280 3.30 12.33 8.70
CA ILE A 280 2.15 11.50 9.08
C ILE A 280 1.79 10.55 7.93
N ILE A 281 1.68 11.10 6.72
CA ILE A 281 1.29 10.27 5.58
C ILE A 281 2.32 9.20 5.27
N PHE A 282 3.59 9.42 5.65
CA PHE A 282 4.59 8.37 5.46
C PHE A 282 4.34 7.20 6.40
N ILE A 283 4.04 7.48 7.67
CA ILE A 283 3.69 6.40 8.59
C ILE A 283 2.42 5.72 8.12
N PHE A 284 1.36 6.50 7.92
CA PHE A 284 0.07 5.99 7.54
C PHE A 284 0.09 5.25 6.21
N ALA A 285 1.04 5.59 5.32
CA ALA A 285 1.34 4.86 4.09
C ALA A 285 2.19 3.63 4.30
N GLY A 286 3.13 3.68 5.23
CA GLY A 286 4.10 2.61 5.32
C GLY A 286 3.81 1.56 6.36
N TYR A 287 2.83 1.81 7.24
CA TYR A 287 2.68 0.94 8.40
C TYR A 287 1.89 -0.33 8.07
N GLU A 288 0.58 -0.21 7.87
CA GLU A 288 -0.21 -1.42 7.65
C GLU A 288 0.10 -2.06 6.30
N THR A 289 0.71 -1.31 5.38
CA THR A 289 1.10 -1.90 4.10
C THR A 289 2.29 -2.84 4.26
N THR A 290 3.38 -2.34 4.84
CA THR A 290 4.54 -3.19 5.10
C THR A 290 4.17 -4.39 5.96
N SER A 291 3.41 -4.14 7.03
CA SER A 291 3.03 -5.21 7.95
C SER A 291 2.15 -6.26 7.25
N SER A 292 1.11 -5.80 6.53
CA SER A 292 0.17 -6.75 5.95
C SER A 292 0.75 -7.51 4.77
N VAL A 293 1.78 -6.98 4.11
CA VAL A 293 2.34 -7.68 2.95
C VAL A 293 3.27 -8.81 3.39
N LEU A 294 4.14 -8.54 4.36
CA LEU A 294 4.95 -9.61 4.94
C LEU A 294 4.07 -10.74 5.45
N SER A 295 2.89 -10.40 5.96
CA SER A 295 1.95 -11.43 6.41
C SER A 295 1.46 -12.28 5.24
N PHE A 296 1.11 -11.64 4.12
CA PHE A 296 0.71 -12.41 2.95
C PHE A 296 1.87 -13.21 2.38
N ILE A 297 3.10 -12.71 2.49
CA ILE A 297 4.26 -13.43 1.98
C ILE A 297 4.53 -14.67 2.84
N MET A 298 4.56 -14.49 4.16
CA MET A 298 4.85 -15.62 5.04
C MET A 298 3.75 -16.68 4.99
N TYR A 299 2.50 -16.27 4.75
CA TYR A 299 1.44 -17.25 4.53
C TYR A 299 1.76 -18.11 3.31
N GLU A 300 2.07 -17.47 2.19
CA GLU A 300 2.34 -18.20 0.96
C GLU A 300 3.58 -19.08 1.08
N LEU A 301 4.59 -18.62 1.83
CA LEU A 301 5.78 -19.44 2.02
C LEU A 301 5.46 -20.69 2.83
N ALA A 302 4.61 -20.57 3.86
CA ALA A 302 4.32 -21.70 4.73
C ALA A 302 3.41 -22.72 4.09
N THR A 303 2.53 -22.28 3.18
CA THR A 303 1.62 -23.19 2.48
C THR A 303 2.21 -23.72 1.18
N HIS A 304 3.41 -23.26 0.81
CA HIS A 304 4.19 -23.83 -0.29
C HIS A 304 5.61 -24.02 0.22
N PRO A 305 5.84 -25.04 1.05
CA PRO A 305 7.16 -25.16 1.70
C PRO A 305 8.31 -25.33 0.73
N ASP A 306 8.03 -25.80 -0.48
CA ASP A 306 9.07 -25.88 -1.52
C ASP A 306 9.60 -24.50 -1.86
N VAL A 307 8.70 -23.52 -2.04
CA VAL A 307 9.12 -22.17 -2.37
C VAL A 307 9.94 -21.56 -1.25
N GLN A 308 9.52 -21.77 0.00
CA GLN A 308 10.29 -21.31 1.14
C GLN A 308 11.67 -21.95 1.18
N GLN A 309 11.74 -23.24 0.84
CA GLN A 309 13.01 -23.94 0.85
C GLN A 309 13.96 -23.39 -0.22
N LYS A 310 13.44 -23.22 -1.45
CA LYS A 310 14.28 -22.65 -2.50
C LYS A 310 14.70 -21.23 -2.14
N LEU A 311 13.79 -20.46 -1.55
CA LEU A 311 14.14 -19.11 -1.13
C LEU A 311 15.18 -19.13 -0.01
N GLN A 312 15.05 -20.08 0.92
CA GLN A 312 16.07 -20.23 1.96
C GLN A 312 17.42 -20.59 1.36
N GLU A 313 17.42 -21.36 0.28
CA GLU A 313 18.67 -21.79 -0.33
C GLU A 313 19.34 -20.64 -1.08
N GLU A 314 18.57 -19.89 -1.88
CA GLU A 314 19.12 -18.73 -2.54
C GLU A 314 19.65 -17.72 -1.53
N ILE A 315 18.94 -17.56 -0.41
CA ILE A 315 19.37 -16.63 0.62
C ILE A 315 20.73 -17.03 1.18
N ASP A 316 20.91 -18.32 1.47
CA ASP A 316 22.16 -18.79 2.03
C ASP A 316 23.28 -18.90 0.99
N ALA A 317 22.94 -18.95 -0.29
CA ALA A 317 23.97 -18.96 -1.33
C ALA A 317 24.60 -17.59 -1.48
N VAL A 318 23.82 -16.53 -1.31
CA VAL A 318 24.34 -15.17 -1.42
C VAL A 318 24.92 -14.69 -0.10
N LEU A 319 24.28 -15.03 1.02
CA LEU A 319 24.73 -14.64 2.36
C LEU A 319 25.05 -15.89 3.16
N PRO A 320 26.24 -16.47 2.99
CA PRO A 320 26.59 -17.67 3.75
C PRO A 320 26.94 -17.34 5.19
N ASN A 321 26.65 -18.29 6.08
CA ASN A 321 26.85 -18.17 7.53
C ASN A 321 25.92 -17.14 8.15
N LYS A 322 24.68 -17.02 7.64
CA LYS A 322 23.71 -16.05 8.14
C LYS A 322 24.25 -14.63 8.08
N ALA A 323 24.90 -14.29 6.97
CA ALA A 323 25.53 -12.98 6.84
C ALA A 323 24.47 -11.87 6.82
N PRO A 324 24.83 -10.67 7.30
CA PRO A 324 23.87 -9.56 7.26
C PRO A 324 23.67 -9.09 5.83
N PRO A 325 22.43 -9.05 5.37
CA PRO A 325 22.18 -8.51 4.02
C PRO A 325 22.57 -7.05 3.92
N THR A 326 23.01 -6.66 2.73
CA THR A 326 23.32 -5.28 2.42
C THR A 326 22.41 -4.83 1.27
N TYR A 327 22.57 -3.56 0.87
CA TYR A 327 21.76 -3.03 -0.22
C TYR A 327 21.96 -3.84 -1.50
N ASP A 328 23.22 -4.14 -1.83
CA ASP A 328 23.53 -4.76 -3.11
C ASP A 328 23.20 -6.24 -3.13
N THR A 329 23.40 -6.93 -2.00
CA THR A 329 23.03 -8.34 -1.93
C THR A 329 21.52 -8.53 -2.05
N VAL A 330 20.74 -7.56 -1.60
CA VAL A 330 19.29 -7.66 -1.70
C VAL A 330 18.86 -7.60 -3.17
N LEU A 331 19.44 -6.66 -3.93
CA LEU A 331 19.15 -6.59 -5.36
C LEU A 331 19.70 -7.79 -6.13
N GLN A 332 20.57 -8.58 -5.50
CA GLN A 332 21.14 -9.76 -6.14
C GLN A 332 20.22 -10.98 -6.06
N MET A 333 19.29 -11.00 -5.10
CA MET A 333 18.45 -12.17 -4.87
C MET A 333 17.27 -12.16 -5.84
N GLU A 334 17.31 -13.03 -6.85
CA GLU A 334 16.30 -13.03 -7.90
C GLU A 334 15.04 -13.78 -7.48
N TYR A 335 15.19 -14.92 -6.79
CA TYR A 335 14.01 -15.65 -6.34
C TYR A 335 13.26 -14.89 -5.26
N LEU A 336 13.97 -14.07 -4.48
CA LEU A 336 13.31 -13.23 -3.48
C LEU A 336 12.41 -12.20 -4.15
N ASP A 337 12.90 -11.57 -5.21
CA ASP A 337 12.08 -10.62 -5.96
C ASP A 337 10.85 -11.30 -6.54
N MET A 338 11.00 -12.55 -7.00
CA MET A 338 9.88 -13.28 -7.59
C MET A 338 8.80 -13.57 -6.55
N VAL A 339 9.20 -13.98 -5.34
CA VAL A 339 8.23 -14.25 -4.28
C VAL A 339 7.46 -12.98 -3.94
N VAL A 340 8.16 -11.85 -3.83
CA VAL A 340 7.51 -10.59 -3.50
C VAL A 340 6.48 -10.23 -4.57
N ASN A 341 6.93 -10.15 -5.83
CA ASN A 341 6.04 -9.70 -6.90
C ASN A 341 4.82 -10.61 -7.04
N GLU A 342 5.02 -11.93 -6.91
CA GLU A 342 3.90 -12.84 -7.03
C GLU A 342 2.90 -12.66 -5.90
N THR A 343 3.39 -12.42 -4.68
CA THR A 343 2.48 -12.12 -3.57
C THR A 343 1.69 -10.85 -3.86
N LEU A 344 2.39 -9.81 -4.32
CA LEU A 344 1.72 -8.53 -4.58
C LEU A 344 0.70 -8.67 -5.71
N ARG A 345 0.98 -9.52 -6.69
CA ARG A 345 -0.04 -9.83 -7.69
C ARG A 345 -1.28 -10.42 -7.02
N LEU A 346 -1.07 -11.42 -6.17
CA LEU A 346 -2.20 -12.05 -5.48
C LEU A 346 -2.94 -11.06 -4.60
N PHE A 347 -2.20 -10.26 -3.84
CA PHE A 347 -2.78 -9.35 -2.85
C PHE A 347 -2.27 -7.94 -3.09
N PRO A 348 -2.80 -7.26 -4.12
CA PRO A 348 -2.35 -5.90 -4.41
C PRO A 348 -3.09 -4.88 -3.55
N ILE A 349 -2.53 -4.58 -2.38
CA ILE A 349 -3.26 -3.95 -1.29
C ILE A 349 -3.95 -2.64 -1.66
N ALA A 350 -3.62 -2.05 -2.82
CA ALA A 350 -4.39 -0.89 -3.27
C ALA A 350 -5.77 -1.30 -3.77
N MET A 351 -5.89 -2.52 -4.31
CA MET A 351 -7.13 -3.07 -4.86
C MET A 351 -7.48 -2.32 -6.14
N ARG A 352 -7.58 -1.00 -6.06
CA ARG A 352 -7.89 -0.15 -7.20
C ARG A 352 -6.87 0.96 -7.39
N LEU A 353 -7.01 1.65 -8.52
CA LEU A 353 -6.33 2.91 -8.80
C LEU A 353 -7.35 3.86 -9.40
N GLU A 354 -7.27 5.13 -9.03
CA GLU A 354 -8.32 6.07 -9.39
C GLU A 354 -7.75 7.43 -9.77
N ARG A 355 -8.38 8.07 -10.76
CA ARG A 355 -8.04 9.41 -11.21
C ARG A 355 -9.33 10.15 -11.55
N VAL A 356 -9.36 11.44 -11.23
CA VAL A 356 -10.53 12.29 -11.51
C VAL A 356 -10.30 13.00 -12.84
N CYS A 357 -11.25 12.83 -13.77
CA CYS A 357 -11.17 13.39 -15.12
C CYS A 357 -11.60 14.85 -15.07
N LYS A 358 -10.62 15.75 -15.11
CA LYS A 358 -10.88 17.18 -14.88
C LYS A 358 -11.38 17.92 -16.11
N LYS A 359 -11.37 17.28 -17.29
CA LYS A 359 -11.84 17.91 -18.52
C LYS A 359 -12.45 16.85 -19.43
N ASP A 360 -13.43 17.26 -20.23
CA ASP A 360 -13.94 16.38 -21.27
C ASP A 360 -12.81 15.94 -22.20
N VAL A 361 -12.66 14.63 -22.37
CA VAL A 361 -11.61 14.07 -23.20
C VAL A 361 -12.11 12.84 -23.93
N GLU A 362 -11.46 12.54 -25.06
CA GLU A 362 -11.62 11.28 -25.78
C GLU A 362 -10.26 10.62 -25.88
N ILE A 363 -10.10 9.48 -25.22
CA ILE A 363 -8.87 8.71 -25.22
C ILE A 363 -9.17 7.32 -25.75
N ASN A 364 -8.35 6.85 -26.70
CA ASN A 364 -8.49 5.52 -27.27
C ASN A 364 -9.91 5.25 -27.76
N GLY A 365 -10.54 6.29 -28.32
CA GLY A 365 -11.83 6.15 -28.96
C GLY A 365 -13.03 6.27 -28.06
N MET A 366 -12.85 6.57 -26.78
CA MET A 366 -13.94 6.64 -25.82
C MET A 366 -14.02 8.05 -25.24
N PHE A 367 -15.21 8.64 -25.29
CA PHE A 367 -15.43 9.97 -24.73
C PHE A 367 -15.70 9.86 -23.24
N ILE A 368 -14.98 10.65 -22.45
CA ILE A 368 -15.10 10.65 -21.00
C ILE A 368 -15.53 12.05 -20.56
N PRO A 369 -16.68 12.19 -19.89
CA PRO A 369 -17.12 13.52 -19.46
C PRO A 369 -16.38 13.99 -18.22
N LYS A 370 -16.31 15.31 -18.08
CA LYS A 370 -15.60 15.91 -16.96
C LYS A 370 -16.24 15.54 -15.64
N GLY A 371 -15.41 15.24 -14.64
CA GLY A 371 -15.86 14.90 -13.31
C GLY A 371 -15.92 13.42 -13.02
N VAL A 372 -16.02 12.58 -14.06
CA VAL A 372 -16.07 11.14 -13.87
C VAL A 372 -14.78 10.65 -13.22
N VAL A 373 -14.91 9.69 -12.32
CA VAL A 373 -13.77 9.02 -11.72
C VAL A 373 -13.43 7.80 -12.57
N VAL A 374 -12.23 7.79 -13.16
CA VAL A 374 -11.74 6.65 -13.90
C VAL A 374 -11.01 5.73 -12.93
N MET A 375 -11.33 4.44 -12.97
CA MET A 375 -10.84 3.48 -12.01
C MET A 375 -10.26 2.27 -12.74
N ILE A 376 -9.10 1.82 -12.30
CA ILE A 376 -8.44 0.63 -12.84
C ILE A 376 -8.54 -0.47 -11.79
N PRO A 377 -9.31 -1.53 -12.03
CA PRO A 377 -9.53 -2.60 -11.03
C PRO A 377 -8.34 -3.56 -10.91
N SER A 378 -7.32 -3.11 -10.17
CA SER A 378 -6.06 -3.84 -10.00
C SER A 378 -6.26 -5.29 -9.58
N TYR A 379 -6.89 -5.50 -8.42
CA TYR A 379 -7.10 -6.85 -7.91
C TYR A 379 -7.68 -7.77 -8.97
N ALA A 380 -8.71 -7.30 -9.69
CA ALA A 380 -9.32 -8.11 -10.73
C ALA A 380 -8.32 -8.41 -11.84
N LEU A 381 -7.63 -7.38 -12.34
CA LEU A 381 -6.66 -7.58 -13.42
C LEU A 381 -5.57 -8.55 -13.00
N HIS A 382 -5.09 -8.46 -11.76
CA HIS A 382 -4.07 -9.37 -11.27
C HIS A 382 -4.57 -10.82 -11.19
N ARG A 383 -5.87 -11.05 -11.37
CA ARG A 383 -6.47 -12.38 -11.27
C ARG A 383 -7.32 -12.69 -12.49
N ASP A 384 -6.93 -12.18 -13.66
CA ASP A 384 -7.67 -12.37 -14.89
C ASP A 384 -7.10 -13.55 -15.65
N PRO A 385 -7.87 -14.61 -15.90
CA PRO A 385 -7.32 -15.75 -16.65
C PRO A 385 -6.82 -15.38 -18.03
N LYS A 386 -7.39 -14.34 -18.64
CA LYS A 386 -6.97 -13.92 -19.98
C LYS A 386 -5.57 -13.32 -19.99
N TYR A 387 -4.99 -13.02 -18.83
CA TYR A 387 -3.61 -12.57 -18.72
C TYR A 387 -2.74 -13.47 -17.85
N TRP A 388 -3.33 -14.37 -17.08
CA TRP A 388 -2.58 -15.22 -16.17
C TRP A 388 -3.11 -16.64 -16.27
N THR A 389 -2.20 -17.60 -16.45
CA THR A 389 -2.57 -19.01 -16.40
C THR A 389 -2.71 -19.46 -14.96
N GLU A 390 -3.84 -20.08 -14.64
CA GLU A 390 -4.16 -20.50 -13.28
C GLU A 390 -3.98 -19.35 -12.29
N PRO A 391 -4.71 -18.24 -12.46
CA PRO A 391 -4.38 -17.02 -11.72
C PRO A 391 -4.52 -17.13 -10.21
N GLU A 392 -5.36 -18.05 -9.72
CA GLU A 392 -5.54 -18.17 -8.28
C GLU A 392 -4.36 -18.85 -7.58
N LYS A 393 -3.43 -19.42 -8.32
CA LYS A 393 -2.35 -20.21 -7.74
C LYS A 393 -1.14 -19.35 -7.44
N PHE A 394 -0.34 -19.81 -6.47
CA PHE A 394 0.87 -19.11 -6.06
C PHE A 394 2.04 -19.71 -6.84
N LEU A 395 2.35 -19.07 -7.97
CA LEU A 395 3.42 -19.53 -8.87
C LEU A 395 4.44 -18.41 -9.04
N PRO A 396 5.45 -18.35 -8.17
CA PRO A 396 6.47 -17.30 -8.30
C PRO A 396 7.18 -17.28 -9.65
N GLU A 397 7.15 -18.39 -10.39
CA GLU A 397 7.89 -18.47 -11.64
C GLU A 397 7.36 -17.53 -12.72
N ARG A 398 6.14 -16.98 -12.55
CA ARG A 398 5.63 -16.03 -13.53
C ARG A 398 6.59 -14.87 -13.74
N PHE A 399 7.39 -14.53 -12.73
CA PHE A 399 8.26 -13.36 -12.76
C PHE A 399 9.73 -13.71 -12.92
N SER A 400 10.05 -14.94 -13.28
CA SER A 400 11.43 -15.31 -13.56
C SER A 400 11.99 -14.46 -14.69
N LYS A 401 13.32 -14.37 -14.74
CA LYS A 401 13.97 -13.52 -15.75
C LYS A 401 13.64 -13.96 -17.17
N LYS A 402 13.09 -15.16 -17.33
CA LYS A 402 12.62 -15.62 -18.64
C LYS A 402 11.26 -15.02 -18.98
N ASN A 403 10.30 -15.15 -18.07
CA ASN A 403 8.92 -14.78 -18.36
C ASN A 403 8.58 -13.34 -17.97
N LYS A 404 9.44 -12.66 -17.21
CA LYS A 404 9.12 -11.32 -16.73
C LYS A 404 8.94 -10.32 -17.86
N ASP A 405 9.31 -10.67 -19.09
CA ASP A 405 9.16 -9.76 -20.21
C ASP A 405 7.75 -9.81 -20.81
N ASN A 406 6.97 -10.85 -20.52
CA ASN A 406 5.65 -11.03 -21.11
C ASN A 406 4.54 -10.40 -20.28
N ILE A 407 4.88 -9.60 -19.28
CA ILE A 407 3.91 -9.05 -18.33
C ILE A 407 3.71 -7.58 -18.65
N ASP A 408 2.47 -7.22 -18.97
CA ASP A 408 2.14 -5.84 -19.29
C ASP A 408 2.23 -5.00 -18.04
N PRO A 409 3.10 -3.98 -17.99
CA PRO A 409 3.23 -3.16 -16.77
C PRO A 409 1.99 -2.33 -16.47
N TYR A 410 0.94 -2.44 -17.27
CA TYR A 410 -0.34 -1.83 -16.99
C TYR A 410 -1.40 -2.85 -16.63
N ILE A 411 -1.04 -4.13 -16.51
CA ILE A 411 -1.97 -5.17 -16.07
C ILE A 411 -1.50 -5.55 -14.67
N TYR A 412 -0.18 -5.48 -14.46
CA TYR A 412 0.45 -5.68 -13.15
C TYR A 412 0.88 -4.32 -12.62
N THR A 413 0.11 -3.80 -11.67
CA THR A 413 0.29 -2.46 -11.12
C THR A 413 0.13 -2.50 -9.61
N PRO A 414 1.08 -3.14 -8.91
CA PRO A 414 0.98 -3.20 -7.43
C PRO A 414 1.36 -1.88 -6.78
N PHE A 415 2.25 -1.12 -7.42
CA PHE A 415 2.60 0.23 -6.98
C PHE A 415 2.03 1.30 -7.93
N GLY A 416 1.02 0.94 -8.70
CA GLY A 416 0.50 1.78 -9.76
C GLY A 416 1.53 2.04 -10.84
N SER A 417 1.25 3.06 -11.66
CA SER A 417 2.14 3.44 -12.73
C SER A 417 1.94 4.92 -13.04
N GLY A 418 2.97 5.53 -13.64
CA GLY A 418 2.90 6.90 -14.06
C GLY A 418 3.47 7.85 -13.03
N PRO A 419 3.38 9.16 -13.32
CA PRO A 419 3.99 10.17 -12.44
C PRO A 419 3.37 10.24 -11.06
N ARG A 420 2.22 9.60 -10.83
CA ARG A 420 1.59 9.59 -9.51
C ARG A 420 1.59 8.20 -8.88
N ASN A 421 2.55 7.36 -9.26
CA ASN A 421 2.66 6.04 -8.66
C ASN A 421 3.23 6.14 -7.24
N CYS A 422 3.49 5.00 -6.62
CA CYS A 422 3.93 4.97 -5.23
C CYS A 422 5.32 5.58 -5.12
N ILE A 423 5.42 6.70 -4.41
CA ILE A 423 6.70 7.39 -4.27
C ILE A 423 7.67 6.61 -3.39
N GLY A 424 7.17 5.74 -2.52
CA GLY A 424 8.01 4.96 -1.63
C GLY A 424 8.29 3.54 -2.07
N MET A 425 7.95 3.20 -3.32
CA MET A 425 8.09 1.84 -3.83
C MET A 425 9.46 1.21 -3.55
N ARG A 426 10.53 1.90 -3.96
CA ARG A 426 11.87 1.39 -3.73
C ARG A 426 12.12 1.10 -2.25
N PHE A 427 11.70 2.03 -1.39
CA PHE A 427 11.87 1.83 0.05
C PHE A 427 11.06 0.63 0.53
N ALA A 428 9.83 0.49 0.05
CA ALA A 428 8.98 -0.61 0.48
C ALA A 428 9.58 -1.95 0.09
N LEU A 429 9.96 -2.11 -1.18
CA LEU A 429 10.57 -3.36 -1.64
C LEU A 429 11.85 -3.67 -0.89
N MET A 430 12.69 -2.66 -0.67
CA MET A 430 13.93 -2.88 0.07
C MET A 430 13.66 -3.20 1.54
N ASN A 431 12.64 -2.55 2.12
CA ASN A 431 12.30 -2.81 3.52
C ASN A 431 11.81 -4.23 3.71
N MET A 432 10.82 -4.65 2.92
CA MET A 432 10.24 -5.98 3.07
C MET A 432 11.27 -7.07 2.78
N LYS A 433 12.20 -6.83 1.86
CA LYS A 433 13.19 -7.84 1.51
C LYS A 433 14.21 -8.04 2.62
N LEU A 434 14.69 -6.94 3.21
CA LEU A 434 15.64 -7.05 4.32
C LEU A 434 15.01 -7.81 5.48
N ALA A 435 13.72 -7.61 5.73
CA ALA A 435 13.03 -8.38 6.76
C ALA A 435 13.04 -9.87 6.40
N LEU A 436 12.68 -10.19 5.16
CA LEU A 436 12.50 -11.59 4.79
C LEU A 436 13.81 -12.35 4.79
N ILE A 437 14.90 -11.70 4.39
CA ILE A 437 16.21 -12.36 4.41
C ILE A 437 16.58 -12.76 5.82
N ARG A 438 16.52 -11.79 6.75
CA ARG A 438 16.94 -12.06 8.12
C ARG A 438 16.04 -13.10 8.78
N VAL A 439 14.73 -13.01 8.55
CA VAL A 439 13.79 -13.93 9.17
C VAL A 439 13.98 -15.34 8.61
N LEU A 440 14.14 -15.47 7.30
CA LEU A 440 14.31 -16.78 6.69
C LEU A 440 15.71 -17.35 6.91
N GLN A 441 16.71 -16.49 7.16
CA GLN A 441 18.04 -16.97 7.51
C GLN A 441 18.01 -17.83 8.77
N ASN A 442 17.09 -17.54 9.68
CA ASN A 442 17.08 -18.13 11.01
C ASN A 442 15.91 -19.03 11.31
N PHE A 443 14.76 -18.84 10.65
CA PHE A 443 13.56 -19.57 11.00
C PHE A 443 12.95 -20.24 9.77
N SER A 444 12.07 -21.21 10.04
CA SER A 444 11.19 -21.80 9.05
C SER A 444 9.76 -21.70 9.57
N PHE A 445 8.82 -21.53 8.65
CA PHE A 445 7.44 -21.22 8.99
C PHE A 445 6.53 -22.30 8.45
N LYS A 446 5.82 -22.98 9.34
CA LYS A 446 4.98 -24.11 9.02
C LYS A 446 3.54 -23.83 9.46
N PRO A 447 2.55 -24.29 8.71
CA PRO A 447 1.16 -23.95 9.04
C PRO A 447 0.75 -24.60 10.35
N CYS A 448 -0.25 -24.00 10.98
CA CYS A 448 -0.87 -24.54 12.17
C CYS A 448 -2.18 -25.24 11.81
N LYS A 449 -2.72 -25.96 12.79
CA LYS A 449 -4.11 -26.41 12.67
C LYS A 449 -5.07 -25.24 12.66
N GLU A 450 -4.73 -24.16 13.36
CA GLU A 450 -5.52 -22.93 13.35
C GLU A 450 -5.15 -21.99 12.22
N THR A 451 -4.17 -22.34 11.39
CA THR A 451 -3.88 -21.55 10.21
C THR A 451 -4.99 -21.73 9.18
N GLN A 452 -5.58 -20.62 8.74
CA GLN A 452 -6.69 -20.65 7.81
C GLN A 452 -6.20 -21.05 6.42
N ILE A 453 -6.56 -22.27 5.98
CA ILE A 453 -6.16 -22.79 4.68
C ILE A 453 -7.40 -23.32 3.97
N PRO A 454 -7.75 -22.83 2.78
CA PRO A 454 -7.06 -21.71 2.10
C PRO A 454 -7.42 -20.37 2.73
N LEU A 455 -6.47 -19.43 2.73
CA LEU A 455 -6.75 -18.11 3.32
C LEU A 455 -7.93 -17.46 2.62
N LYS A 456 -8.80 -16.86 3.41
CA LYS A 456 -9.97 -16.15 2.91
C LYS A 456 -9.81 -14.66 3.18
N LEU A 457 -10.24 -13.84 2.22
CA LEU A 457 -10.04 -12.40 2.30
C LEU A 457 -11.21 -11.72 2.99
N SER A 458 -10.91 -10.58 3.62
CA SER A 458 -11.93 -9.83 4.34
C SER A 458 -12.94 -9.22 3.36
N LEU A 459 -14.23 -9.49 3.61
CA LEU A 459 -15.30 -8.89 2.83
C LEU A 459 -15.45 -7.40 3.09
N GLY A 460 -14.58 -6.83 3.92
CA GLY A 460 -14.65 -5.42 4.22
C GLY A 460 -14.12 -4.55 3.10
N GLY A 461 -13.58 -3.38 3.44
CA GLY A 461 -12.99 -2.49 2.47
C GLY A 461 -11.47 -2.44 2.45
N LEU A 462 -10.80 -3.27 3.22
CA LEU A 462 -9.34 -3.36 3.18
C LEU A 462 -8.90 -4.76 2.76
N LEU A 463 -7.81 -4.85 2.00
CA LEU A 463 -7.31 -6.15 1.57
C LEU A 463 -6.51 -6.76 2.70
N GLN A 464 -7.08 -7.77 3.36
CA GLN A 464 -6.49 -8.36 4.56
C GLN A 464 -7.19 -9.68 4.82
N PRO A 465 -6.57 -10.57 5.60
CA PRO A 465 -7.21 -11.86 5.88
C PRO A 465 -8.44 -11.70 6.75
N GLU A 466 -9.45 -12.54 6.47
CA GLU A 466 -10.66 -12.54 7.29
C GLU A 466 -10.34 -12.87 8.73
N LYS A 467 -9.37 -13.78 8.95
CA LYS A 467 -8.81 -14.09 10.25
C LYS A 467 -7.30 -13.90 10.19
N PRO A 468 -6.72 -13.26 11.21
CA PRO A 468 -5.27 -13.01 11.19
C PRO A 468 -4.47 -14.27 10.95
N VAL A 469 -3.40 -14.14 10.18
CA VAL A 469 -2.57 -15.29 9.80
C VAL A 469 -1.76 -15.73 11.01
N VAL A 470 -1.86 -17.01 11.35
CA VAL A 470 -1.16 -17.60 12.48
C VAL A 470 -0.34 -18.77 11.95
N LEU A 471 0.95 -18.80 12.30
CA LEU A 471 1.87 -19.81 11.80
C LEU A 471 2.79 -20.28 12.91
N LYS A 472 3.33 -21.49 12.73
CA LYS A 472 4.27 -22.07 13.67
C LYS A 472 5.69 -21.74 13.23
N VAL A 473 6.47 -21.15 14.13
CA VAL A 473 7.83 -20.71 13.85
C VAL A 473 8.80 -21.68 14.50
N GLU A 474 9.71 -22.24 13.70
CA GLU A 474 10.75 -23.13 14.18
C GLU A 474 12.12 -22.51 13.95
N SER A 475 13.08 -22.89 14.76
CA SER A 475 14.44 -22.36 14.68
C SER A 475 15.33 -23.32 13.90
N ARG A 476 16.20 -22.75 13.06
CA ARG A 476 17.20 -23.54 12.35
C ARG A 476 18.33 -23.95 13.29
N ASP A 477 18.04 -23.98 14.59
CA ASP A 477 18.99 -24.35 15.62
C ASP A 477 18.30 -25.20 16.69
CHA HEM B . 0.85 5.67 -3.55
CHB HEM B . 1.25 0.85 -3.32
CHC HEM B . 4.32 1.45 0.35
CHD HEM B . 4.12 6.28 0.00
C1A HEM B . 0.69 4.33 -3.81
C2A HEM B . -0.14 3.76 -4.85
C3A HEM B . -0.03 2.43 -4.79
C4A HEM B . 0.87 2.11 -3.71
CMA HEM B . -0.74 1.39 -5.70
CAA HEM B . -1.00 4.56 -5.85
CBA HEM B . -0.23 4.58 -7.17
CGA HEM B . -1.13 5.11 -8.25
O1A HEM B . -0.91 4.73 -9.43
O2A HEM B . -2.06 5.89 -7.92
C1B HEM B . 2.14 0.57 -2.31
C2B HEM B . 2.59 -0.74 -1.89
C3B HEM B . 3.44 -0.56 -0.86
C4B HEM B . 3.54 0.87 -0.62
CMB HEM B . 2.13 -2.05 -2.55
CAB HEM B . 4.25 -1.58 -0.01
CBB HEM B . 4.24 -2.90 -0.22
C1C HEM B . 4.56 2.78 0.53
C2C HEM B . 5.53 3.32 1.46
C3C HEM B . 5.50 4.65 1.39
C4C HEM B . 4.49 5.02 0.40
CMC HEM B . 6.45 2.49 2.38
CAC HEM B . 6.41 5.57 2.24
CBC HEM B . 6.35 6.90 2.19
C1D HEM B . 3.17 6.54 -0.97
C2D HEM B . 2.66 7.84 -1.33
C3D HEM B . 1.75 7.66 -2.30
C4D HEM B . 1.67 6.24 -2.60
CMD HEM B . 3.07 9.18 -0.71
CAD HEM B . 0.96 8.77 -3.02
CBD HEM B . 1.82 9.24 -4.17
CGD HEM B . 1.27 10.52 -4.76
O1D HEM B . 2.09 11.28 -5.33
O2D HEM B . 0.05 10.77 -4.64
NA HEM B . 1.29 3.29 -3.13
NB HEM B . 2.74 1.53 -1.51
NC HEM B . 3.94 3.84 -0.10
ND HEM B . 2.55 5.59 -1.76
FE HEM B . 2.57 3.56 -1.63
C10 X6J C . -7.67 7.19 -0.33
C01 X6J C . -12.59 8.42 -1.52
C02 X6J C . -11.73 7.23 -2.02
C03 X6J C . -11.71 6.19 -0.93
C04 X6J C . -12.37 6.58 -3.23
C06 X6J C . -9.52 6.73 -2.92
C09 X6J C . -7.41 6.41 -1.60
C12 X6J C . -6.35 7.16 2.18
C13 X6J C . -6.11 6.25 3.36
C14 X6J C . -5.22 7.08 4.26
C15 X6J C . -4.20 6.47 4.94
C16 X6J C . -3.40 7.27 5.72
C17 X6J C . -3.62 8.63 5.77
C18 X6J C . -4.61 9.25 5.06
C19 X6J C . -5.43 8.46 4.30
C20 X6J C . -5.07 7.70 1.48
C23 X6J C . -2.74 7.79 0.86
C24 X6J C . -1.39 7.10 0.76
C25 X6J C . -1.30 5.96 1.79
C26 X6J C . -0.74 4.72 1.13
C27 X6J C . -1.31 3.51 1.46
C28 X6J C . -0.82 2.38 0.87
C29 X6J C . 0.23 2.48 -0.02
C31 X6J C . 0.31 4.76 0.22
C32 X6J C . -6.48 5.23 -1.31
C33 X6J C . -5.05 5.55 -1.73
C34 X6J C . -4.61 6.84 -2.03
C35 X6J C . -3.28 7.05 -2.42
C36 X6J C . -2.40 5.98 -2.48
C37 X6J C . -2.86 4.66 -2.17
C38 X6J C . -2.00 3.54 -2.24
C39 X6J C . -2.48 2.26 -1.93
C40 X6J C . -3.81 2.07 -1.55
C41 X6J C . -4.65 3.17 -1.49
C42 X6J C . -4.16 4.46 -1.81
N08 X6J C . -8.69 5.87 -2.05
N22 X6J C . -3.76 7.05 1.61
N30 X6J C . 0.76 3.65 -0.32
O05 X6J C . -10.40 7.67 -2.33
O07 X6J C . -9.43 6.60 -4.09
O21 X6J C . -5.12 8.69 0.85
S11 X6J C . -7.21 6.10 1.03
#